data_8CTL
#
_entry.id   8CTL
#
loop_
_entity.id
_entity.type
_entity.pdbx_description
1 polymer IscB
2 polymer 'RNA (222-MER)'
3 polymer 'DNA target strand'
4 polymer 'DNA non-target strand'
#
loop_
_entity_poly.entity_id
_entity_poly.type
_entity_poly.pdbx_seq_one_letter_code
_entity_poly.pdbx_strand_id
1 'polypeptide(L)'
;MMAVVYVISKSGKPLMPTTRCGHVRILLKEGKARVVERKPFTIQLTYESAEETQPLVLGIDPGRTNIGMSVVTESGESVF
NAQIETRNKDVPKLMKDRKQYRMAHRRLKRRCKRRRRAKAAGTAFEEGEKQRLLPGCFKPITCKSIRNKEARFNNRKRPV
GWLTPTANHLLVTHLNVVKKVQKILPVAKVVLELNRFSFMAMNNPKVQRWQYQRGPLYGKGSVEEAVSMQQDGHCLFCKH
GIDHYHHVVPRRKNGSETLENRVGLCEEHHRLVHTDKEWEANLASKKSGMNKKYHALSVLNQIIPYLADQLADMFPGNFC
VTSGQDTYLFREEHGIPKDHYLDAYCIACSALTDAKKVSSPKGRPYMVHQFRRHDRQACHKANLNRSYYMGGKLVATNRH
KAMDQKTDSLEEYRAAHSAADVSKLTVKHPSAQYKDMSRIMPGSILVSGEGKLFTLSRSEGRNKGQVNYFVSTEGIKYWA
RKCQYLRNNGGLQIYV
;
D
2 'polyribonucleotide'
;AAAAGAGUGAACGAGAGGCUCUUCCAACUUUAUGGUUGCGACCGUAGGUUGAAAGAGCACAGGCUGAGACAUUCGUAAGG
CCGAAAGACCGGACGCACCCUGGGAUUUCCCCAGUCCCCGGAACUGCAUAGCGGAUGCCAGUUGAUGGAGCAAUCUAUCA
GAUAAGCCAGGGGGAACAAUCACCUCUCUGUAUCAGAGAGAGUUUUACAAAAGGAGGAACGG
;
C
3 'polydeoxyribonucleotide'
;(DG)(DC)(DC)(DA)(DC)(DG)(DG)(DG)(DC)(DT)(DG)(DA)(DC)(DC)(DT)(DC)(DG)(DA)(DC)(DT)
(DT)(DC)(DT)(DA)(DG)(DT)(DC)(DT)(DC)(DG)(DT)(DT)(DC)(DA)(DC)(DT)(DC)(DT)(DT)(DT)
(DT)(DG)(DC)(DC)(DG)(DT)(DA)(DC)(DC)(DC)(DT)(DC)(DG)(DT)(DG)(DG)(DG)(DG)(DC)(DC)
;
A
4 'polydeoxyribonucleotide'
;(DC)(DG)(DC)(DC)(DC)(DC)(DA)(DC)(DG)(DA)(DG)(DG)(DG)(DT)(DA)(DC)(DG)(DG)(DC)(DA)
(DA)(DA)(DA)(DG)(DA)(DG)(DT)(DT)(DT)(DT)(DT)(DT)(DT)(DT)(DA)(DC)(DT)(DA)(DG)(DA)
(DA)(DG)(DT)(DC)(DG)(DA)(DG)(DG)(DT)(DC)(DA)(DG)(DC)(DC)(DC)(DG)(DT)(DG)(DG)(DC)
;
B
#
loop_
_chem_comp.id
_chem_comp.type
_chem_comp.name
_chem_comp.formula
A RNA linking ADENOSINE-5'-MONOPHOSPHATE 'C10 H14 N5 O7 P'
C RNA linking CYTIDINE-5'-MONOPHOSPHATE 'C9 H14 N3 O8 P'
DA DNA linking 2'-DEOXYADENOSINE-5'-MONOPHOSPHATE 'C10 H14 N5 O6 P'
DC DNA linking 2'-DEOXYCYTIDINE-5'-MONOPHOSPHATE 'C9 H14 N3 O7 P'
DG DNA linking 2'-DEOXYGUANOSINE-5'-MONOPHOSPHATE 'C10 H14 N5 O7 P'
DT DNA linking THYMIDINE-5'-MONOPHOSPHATE 'C10 H15 N2 O8 P'
G RNA linking GUANOSINE-5'-MONOPHOSPHATE 'C10 H14 N5 O8 P'
U RNA linking URIDINE-5'-MONOPHOSPHATE 'C9 H13 N2 O9 P'
#
# COMPACT_ATOMS: atom_id res chain seq x y z
N MET A 2 -14.34 4.47 -30.48
CA MET A 2 -14.69 3.67 -29.32
C MET A 2 -13.49 3.45 -28.43
N ALA A 3 -13.12 2.21 -28.25
CA ALA A 3 -12.05 1.92 -27.37
C ALA A 3 -10.82 2.58 -27.87
N VAL A 4 -9.90 2.85 -26.98
CA VAL A 4 -8.62 3.52 -27.33
C VAL A 4 -7.50 2.52 -27.12
N VAL A 5 -6.81 2.11 -28.18
CA VAL A 5 -5.71 1.11 -28.11
C VAL A 5 -4.38 1.85 -28.07
N TYR A 6 -3.69 1.86 -26.93
CA TYR A 6 -2.41 2.59 -26.77
C TYR A 6 -1.39 1.92 -27.70
N VAL A 7 -0.46 2.67 -28.27
CA VAL A 7 0.56 2.15 -29.24
C VAL A 7 1.95 2.53 -28.76
N ILE A 8 2.97 1.76 -29.11
CA ILE A 8 4.38 2.02 -28.73
C ILE A 8 5.24 1.75 -29.96
N SER A 9 6.23 2.60 -30.23
CA SER A 9 7.10 2.41 -31.39
C SER A 9 7.92 1.15 -31.28
N LYS A 10 8.42 0.66 -32.41
CA LYS A 10 9.30 -0.49 -32.38
C LYS A 10 10.43 -0.18 -31.44
N SER A 11 10.86 1.08 -31.42
CA SER A 11 11.99 1.50 -30.56
C SER A 11 11.55 1.55 -29.11
N GLY A 12 10.27 1.25 -28.83
CA GLY A 12 9.75 1.27 -27.46
C GLY A 12 9.45 2.68 -27.02
N LYS A 13 8.79 3.48 -27.87
CA LYS A 13 8.49 4.87 -27.54
C LYS A 13 7.00 5.18 -27.50
N PRO A 14 6.51 5.66 -26.40
CA PRO A 14 5.08 5.80 -26.33
C PRO A 14 4.62 6.71 -27.46
N LEU A 15 4.02 6.14 -28.51
CA LEU A 15 3.48 6.94 -29.64
C LEU A 15 2.02 7.29 -29.35
N MET A 16 1.39 8.07 -30.21
CA MET A 16 -0.01 8.37 -30.03
C MET A 16 -0.74 7.04 -30.03
N PRO A 17 -1.82 6.93 -29.24
CA PRO A 17 -2.53 5.65 -29.35
C PRO A 17 -3.39 5.60 -30.59
N THR A 18 -4.64 5.20 -30.46
CA THR A 18 -5.50 5.06 -31.63
C THR A 18 -6.86 4.56 -31.38
N THR A 19 -7.68 4.63 -32.41
CA THR A 19 -9.03 4.21 -32.31
C THR A 19 -9.55 3.87 -33.67
N ARG A 20 -9.03 2.78 -34.22
CA ARG A 20 -9.49 2.30 -35.53
C ARG A 20 -9.99 0.88 -35.36
N CYS A 21 -9.48 0.17 -34.34
CA CYS A 21 -9.93 -1.20 -34.06
C CYS A 21 -9.62 -2.20 -35.17
N GLY A 22 -10.38 -2.14 -36.26
CA GLY A 22 -10.15 -3.05 -37.37
C GLY A 22 -8.68 -3.16 -37.72
N HIS A 23 -8.05 -2.03 -37.97
CA HIS A 23 -6.67 -2.05 -38.30
C HIS A 23 -5.81 -2.50 -37.15
N VAL A 24 -6.32 -2.53 -35.96
CA VAL A 24 -5.48 -2.85 -34.87
C VAL A 24 -5.57 -4.33 -34.75
N ARG A 25 -6.49 -4.95 -35.49
CA ARG A 25 -6.58 -6.42 -35.49
C ARG A 25 -5.88 -6.94 -36.69
N ILE A 26 -6.28 -6.46 -37.85
CA ILE A 26 -5.61 -6.86 -39.04
C ILE A 26 -4.18 -6.80 -38.71
N LEU A 27 -3.74 -5.71 -38.13
CA LEU A 27 -2.32 -5.54 -37.86
C LEU A 27 -1.75 -6.46 -36.84
N LEU A 28 -2.61 -7.15 -36.12
CA LEU A 28 -2.14 -8.12 -35.14
C LEU A 28 -2.12 -9.45 -35.87
N LYS A 29 -3.13 -9.68 -36.70
CA LYS A 29 -3.14 -10.89 -37.51
C LYS A 29 -2.01 -10.74 -38.51
N GLU A 30 -1.73 -9.51 -38.91
CA GLU A 30 -0.63 -9.25 -39.81
C GLU A 30 0.66 -9.52 -39.07
N GLY A 31 0.55 -9.78 -37.77
CA GLY A 31 1.72 -10.02 -36.96
C GLY A 31 2.52 -8.76 -36.81
N LYS A 32 2.19 -7.73 -37.60
CA LYS A 32 2.98 -6.55 -37.53
C LYS A 32 3.14 -6.05 -36.12
N ALA A 33 2.26 -6.44 -35.21
CA ALA A 33 2.20 -5.85 -33.88
C ALA A 33 2.42 -6.88 -32.83
N ARG A 34 2.36 -6.49 -31.57
CA ARG A 34 2.64 -7.42 -30.53
C ARG A 34 2.17 -6.98 -29.20
N VAL A 35 1.12 -7.56 -28.69
CA VAL A 35 0.55 -7.13 -27.43
C VAL A 35 1.60 -6.95 -26.40
N VAL A 36 1.58 -5.84 -25.69
CA VAL A 36 2.55 -5.56 -24.69
C VAL A 36 1.86 -5.47 -23.36
N GLU A 37 0.55 -5.43 -23.34
CA GLU A 37 -0.18 -5.42 -22.11
C GLU A 37 -1.60 -5.77 -22.42
N ARG A 38 -2.30 -6.46 -21.53
CA ARG A 38 -3.64 -6.89 -21.81
C ARG A 38 -4.58 -5.84 -21.32
N LYS A 39 -4.15 -5.03 -20.37
CA LYS A 39 -4.95 -3.91 -19.92
C LYS A 39 -4.03 -2.97 -19.18
N PRO A 40 -3.86 -1.74 -19.67
CA PRO A 40 -4.64 -1.32 -20.81
C PRO A 40 -4.05 -1.82 -22.08
N PHE A 41 -4.87 -2.17 -23.04
CA PHE A 41 -4.37 -2.78 -24.24
C PHE A 41 -3.36 -1.95 -24.90
N THR A 42 -2.11 -2.39 -24.87
CA THR A 42 -1.07 -1.74 -25.60
C THR A 42 -0.61 -2.66 -26.68
N ILE A 43 -0.24 -2.12 -27.84
CA ILE A 43 0.29 -2.92 -28.98
C ILE A 43 1.54 -2.23 -29.52
N GLN A 44 2.70 -2.86 -29.44
CA GLN A 44 3.91 -2.28 -29.99
C GLN A 44 4.03 -2.66 -31.45
N LEU A 45 4.11 -1.67 -32.32
CA LEU A 45 4.26 -1.95 -33.74
C LEU A 45 5.52 -2.76 -33.98
N THR A 46 5.50 -3.61 -35.00
CA THR A 46 6.69 -4.37 -35.33
C THR A 46 7.14 -4.00 -36.73
N TYR A 47 6.95 -2.75 -37.11
CA TYR A 47 7.37 -2.31 -38.42
C TYR A 47 7.75 -0.86 -38.18
N GLU A 48 9.04 -0.57 -38.06
CA GLU A 48 9.44 0.78 -37.70
C GLU A 48 8.86 1.83 -38.63
N SER A 49 8.04 2.71 -38.09
CA SER A 49 7.43 3.76 -38.90
C SER A 49 7.80 5.13 -38.35
N ALA A 50 7.06 6.16 -38.72
CA ALA A 50 7.29 7.47 -38.14
C ALA A 50 6.80 7.42 -36.70
N GLU A 51 7.27 8.34 -35.87
CA GLU A 51 6.89 8.30 -34.46
C GLU A 51 6.29 9.62 -33.98
N GLU A 52 5.59 10.32 -34.87
CA GLU A 52 5.02 11.61 -34.52
C GLU A 52 4.07 11.49 -33.33
N THR A 53 4.16 12.43 -32.40
CA THR A 53 3.33 12.39 -31.20
C THR A 53 2.82 13.78 -30.87
N GLN A 54 1.51 13.95 -30.88
CA GLN A 54 0.91 15.25 -30.61
C GLN A 54 0.97 15.60 -29.11
N PRO A 55 0.87 16.90 -28.78
CA PRO A 55 1.01 17.23 -27.34
C PRO A 55 -0.09 16.73 -26.41
N LEU A 56 0.24 16.12 -25.26
CA LEU A 56 -0.74 15.56 -24.29
C LEU A 56 -0.48 16.13 -22.89
N VAL A 57 -1.51 16.47 -22.13
CA VAL A 57 -1.39 17.05 -20.76
C VAL A 57 -1.89 16.02 -19.74
N LEU A 58 -1.15 15.75 -18.67
CA LEU A 58 -1.55 14.78 -17.61
C LEU A 58 -1.98 15.54 -16.36
N GLY A 59 -3.27 15.54 -16.02
CA GLY A 59 -3.77 16.20 -14.80
C GLY A 59 -3.74 15.27 -13.62
N ILE A 60 -2.86 15.50 -12.65
CA ILE A 60 -2.74 14.68 -11.41
C ILE A 60 -3.57 15.32 -10.31
N ASP A 61 -4.59 14.62 -9.80
CA ASP A 61 -5.41 15.09 -8.66
C ASP A 61 -4.86 14.42 -7.41
N PRO A 62 -3.99 15.05 -6.61
CA PRO A 62 -3.37 14.37 -5.49
C PRO A 62 -4.39 13.79 -4.51
N GLY A 63 -3.95 12.92 -3.60
CA GLY A 63 -4.84 12.27 -2.62
C GLY A 63 -4.09 11.17 -1.91
N ARG A 64 -4.51 10.77 -0.72
CA ARG A 64 -3.76 9.77 0.07
C ARG A 64 -4.27 8.35 -0.23
N THR A 65 -5.51 8.16 -0.64
CA THR A 65 -5.93 6.81 -0.96
C THR A 65 -6.59 6.67 -2.33
N ASN A 66 -6.73 7.78 -3.05
CA ASN A 66 -7.33 7.72 -4.38
C ASN A 66 -6.71 8.70 -5.36
N ILE A 67 -5.42 8.52 -5.65
CA ILE A 67 -4.78 9.36 -6.64
C ILE A 67 -5.50 9.22 -7.96
N GLY A 68 -5.89 10.34 -8.56
CA GLY A 68 -6.57 10.29 -9.87
C GLY A 68 -5.75 11.00 -10.93
N MET A 69 -5.64 10.43 -12.12
CA MET A 69 -4.84 11.01 -13.22
C MET A 69 -5.63 10.93 -14.52
N SER A 70 -5.31 11.78 -15.49
CA SER A 70 -6.04 11.82 -16.79
C SER A 70 -5.24 12.56 -17.84
N VAL A 71 -4.84 11.88 -18.91
CA VAL A 71 -4.11 12.51 -20.05
C VAL A 71 -5.17 13.01 -21.01
N VAL A 72 -5.08 14.25 -21.44
CA VAL A 72 -6.08 14.81 -22.33
C VAL A 72 -5.42 15.42 -23.55
N THR A 73 -6.07 15.30 -24.70
CA THR A 73 -5.55 15.95 -25.88
C THR A 73 -5.72 17.44 -25.70
N GLU A 74 -5.10 18.23 -26.57
CA GLU A 74 -5.15 19.68 -26.43
C GLU A 74 -6.56 20.23 -26.55
N SER A 75 -7.29 19.79 -27.57
CA SER A 75 -8.67 20.24 -27.76
C SER A 75 -9.48 20.02 -26.51
N GLY A 76 -9.02 19.12 -25.66
CA GLY A 76 -9.73 18.81 -24.44
C GLY A 76 -10.20 17.38 -24.48
N GLU A 77 -9.77 16.63 -25.49
CA GLU A 77 -10.29 15.24 -25.62
C GLU A 77 -9.63 14.39 -24.54
N SER A 78 -10.21 13.25 -24.17
CA SER A 78 -9.67 12.39 -23.08
C SER A 78 -9.05 11.13 -23.68
N VAL A 79 -7.80 10.81 -23.33
CA VAL A 79 -7.07 9.65 -23.91
C VAL A 79 -6.78 8.62 -22.82
N PHE A 80 -6.91 8.98 -21.55
CA PHE A 80 -6.66 8.06 -20.41
C PHE A 80 -7.28 8.63 -19.14
N ASN A 81 -7.84 7.78 -18.28
CA ASN A 81 -8.42 8.20 -16.97
C ASN A 81 -8.25 7.05 -16.00
N ALA A 82 -7.61 7.27 -14.86
CA ALA A 82 -7.35 6.22 -13.86
C ALA A 82 -7.85 6.64 -12.49
N GLN A 83 -7.78 5.75 -11.50
CA GLN A 83 -8.18 6.05 -10.10
C GLN A 83 -7.38 5.10 -9.22
N ILE A 84 -6.16 5.48 -8.87
CA ILE A 84 -5.23 4.61 -8.10
C ILE A 84 -5.72 4.54 -6.66
N GLU A 85 -5.83 3.35 -6.08
CA GLU A 85 -6.19 3.17 -4.65
C GLU A 85 -4.92 2.76 -3.92
N THR A 86 -4.33 3.67 -3.15
CA THR A 86 -3.02 3.42 -2.49
C THR A 86 -3.23 2.61 -1.22
N ARG A 87 -2.15 2.07 -0.67
CA ARG A 87 -2.08 1.29 0.51
C ARG A 87 -1.38 2.14 1.52
N ASN A 88 -1.52 3.44 1.49
CA ASN A 88 -0.77 4.39 2.35
C ASN A 88 -1.28 4.33 3.78
N LYS A 89 -2.49 3.83 4.00
CA LYS A 89 -3.11 3.82 5.35
C LYS A 89 -2.64 2.62 6.15
N ASP A 90 -1.98 1.66 5.51
CA ASP A 90 -1.52 0.42 6.17
C ASP A 90 -0.11 0.64 6.65
N VAL A 91 0.69 1.33 5.86
CA VAL A 91 2.12 1.60 6.20
C VAL A 91 2.20 2.11 7.64
N PRO A 92 1.46 3.15 8.04
CA PRO A 92 1.60 3.71 9.39
C PRO A 92 1.41 2.69 10.51
N LYS A 93 0.41 1.81 10.40
CA LYS A 93 0.09 0.83 11.46
C LYS A 93 1.09 -0.32 11.44
N LEU A 94 1.54 -0.73 10.28
CA LEU A 94 2.52 -1.82 10.14
C LEU A 94 3.80 -1.40 10.86
N MET A 95 4.08 -0.11 10.92
CA MET A 95 5.33 0.42 11.55
C MET A 95 5.17 0.46 13.06
N LYS A 96 3.98 0.78 13.55
CA LYS A 96 3.71 0.78 15.01
C LYS A 96 3.96 -0.63 15.51
N ASP A 97 3.44 -1.63 14.79
CA ASP A 97 3.61 -3.04 15.18
C ASP A 97 5.10 -3.36 15.12
N ARG A 98 5.77 -3.01 14.03
CA ARG A 98 7.22 -3.25 13.85
C ARG A 98 7.94 -2.72 15.07
N LYS A 99 7.50 -1.59 15.62
CA LYS A 99 8.16 -0.96 16.78
C LYS A 99 7.96 -1.83 18.00
N GLN A 100 6.70 -2.11 18.36
CA GLN A 100 6.39 -2.96 19.53
C GLN A 100 7.23 -4.22 19.42
N TYR A 101 7.15 -4.92 18.30
CA TYR A 101 7.90 -6.17 18.08
C TYR A 101 9.37 -5.94 18.37
N ARG A 102 9.94 -4.88 17.82
CA ARG A 102 11.38 -4.58 18.02
C ARG A 102 11.64 -4.35 19.50
N MET A 103 10.85 -3.50 20.14
CA MET A 103 11.07 -3.14 21.56
C MET A 103 10.96 -4.39 22.42
N ALA A 104 10.10 -5.33 22.07
CA ALA A 104 9.95 -6.61 22.79
C ALA A 104 11.25 -7.39 22.64
N HIS A 105 11.69 -7.64 21.42
CA HIS A 105 12.95 -8.35 21.14
C HIS A 105 14.06 -7.76 22.01
N ARG A 106 14.09 -6.45 22.19
CA ARG A 106 15.18 -5.76 22.91
C ARG A 106 14.92 -5.68 24.41
N ARG A 107 13.81 -6.23 24.87
CA ARG A 107 13.42 -6.19 26.29
C ARG A 107 13.43 -7.60 26.84
N LEU A 108 12.96 -8.56 26.06
CA LEU A 108 12.81 -9.95 26.54
C LEU A 108 14.00 -10.79 26.09
N LYS A 109 14.85 -10.29 25.20
CA LYS A 109 15.97 -11.09 24.66
C LYS A 109 17.32 -10.49 25.01
N ARG A 110 17.36 -9.28 25.58
CA ARG A 110 18.64 -8.67 26.03
C ARG A 110 18.48 -8.11 27.45
N ARG A 111 17.69 -7.06 27.64
CA ARG A 111 17.57 -6.45 28.97
C ARG A 111 17.31 -7.46 30.08
N CYS A 112 16.16 -8.11 30.03
CA CYS A 112 15.83 -9.12 31.03
C CYS A 112 16.95 -10.13 31.17
N LYS A 113 17.34 -10.75 30.07
CA LYS A 113 18.42 -11.73 30.10
C LYS A 113 19.60 -11.19 30.89
N ARG A 114 20.11 -10.04 30.47
CA ARG A 114 21.25 -9.41 31.18
C ARG A 114 20.89 -9.28 32.66
N ARG A 115 19.67 -8.89 32.99
CA ARG A 115 19.24 -8.71 34.39
C ARG A 115 19.19 -10.09 35.05
N ARG A 116 18.89 -11.14 34.31
CA ARG A 116 18.83 -12.51 34.85
C ARG A 116 20.24 -12.99 35.10
N ARG A 117 21.16 -12.75 34.17
CA ARG A 117 22.55 -13.23 34.27
C ARG A 117 23.25 -12.43 35.35
N ALA A 118 22.83 -11.19 35.57
CA ALA A 118 23.45 -10.31 36.58
C ALA A 118 23.11 -10.85 37.96
N LYS A 119 21.82 -10.97 38.26
CA LYS A 119 21.37 -11.46 39.58
C LYS A 119 22.07 -12.77 39.87
N ALA A 120 22.36 -13.56 38.84
CA ALA A 120 22.96 -14.90 39.00
C ALA A 120 24.44 -14.81 39.30
N ALA A 121 25.15 -13.87 38.69
CA ALA A 121 26.61 -13.72 38.86
C ALA A 121 26.92 -12.89 40.10
N GLY A 122 25.95 -12.15 40.60
CA GLY A 122 26.14 -11.26 41.75
C GLY A 122 26.68 -9.93 41.31
N THR A 123 26.56 -9.62 40.02
CA THR A 123 27.05 -8.34 39.44
C THR A 123 25.86 -7.43 39.21
N ALA A 124 25.13 -7.08 40.28
CA ALA A 124 23.94 -6.22 40.19
C ALA A 124 23.94 -5.17 41.30
N PHE A 125 23.26 -4.05 41.11
CA PHE A 125 23.14 -3.00 42.16
C PHE A 125 22.88 -3.70 43.48
N GLU A 126 23.52 -3.29 44.56
CA GLU A 126 23.27 -3.86 45.91
C GLU A 126 21.85 -3.51 46.34
N GLU A 127 21.36 -2.33 45.99
CA GLU A 127 19.97 -1.91 46.30
C GLU A 127 18.99 -2.65 45.40
N GLY A 128 19.44 -3.13 44.25
CA GLY A 128 18.58 -3.87 43.31
C GLY A 128 17.83 -2.93 42.39
N GLU A 129 17.79 -1.64 42.72
CA GLU A 129 17.11 -0.61 41.90
C GLU A 129 17.97 0.63 41.96
N LYS A 130 17.84 1.53 41.00
CA LYS A 130 18.65 2.77 40.96
C LYS A 130 17.92 3.80 40.12
N GLN A 131 17.60 4.95 40.71
CA GLN A 131 16.99 6.06 39.95
C GLN A 131 18.13 6.73 39.21
N ARG A 132 18.01 6.99 37.92
CA ARG A 132 19.05 7.57 37.13
C ARG A 132 18.60 8.70 36.32
N LEU A 133 18.83 9.93 36.74
CA LEU A 133 18.44 11.14 35.97
C LEU A 133 19.40 11.22 34.79
N LEU A 134 18.94 10.85 33.60
CA LEU A 134 19.81 10.80 32.40
C LEU A 134 19.83 12.18 31.74
N PRO A 135 20.96 12.60 31.15
CA PRO A 135 21.07 13.93 30.59
C PRO A 135 19.91 14.26 29.63
N GLY A 136 19.14 15.32 29.92
CA GLY A 136 18.02 15.74 29.06
C GLY A 136 16.69 15.60 29.77
N CYS A 137 16.60 14.74 30.78
CA CYS A 137 15.35 14.47 31.54
C CYS A 137 15.39 15.19 32.88
N PHE A 138 14.27 15.32 33.57
CA PHE A 138 14.17 15.97 34.90
C PHE A 138 13.58 14.97 35.90
N LYS A 139 12.95 13.90 35.41
CA LYS A 139 12.36 12.85 36.27
C LYS A 139 13.20 11.59 36.12
N PRO A 140 13.72 10.99 37.21
CA PRO A 140 14.62 9.84 37.10
C PRO A 140 14.03 8.60 36.42
N ILE A 141 14.87 7.63 36.07
CA ILE A 141 14.44 6.35 35.42
C ILE A 141 14.87 5.21 36.34
N THR A 142 14.00 4.24 36.61
CA THR A 142 14.30 3.12 37.53
C THR A 142 14.99 1.99 36.79
N CYS A 143 16.23 1.68 37.14
CA CYS A 143 17.00 0.59 36.52
C CYS A 143 17.09 -0.54 37.54
N LYS A 144 16.57 -1.73 37.23
CA LYS A 144 16.56 -2.87 38.16
C LYS A 144 17.76 -3.76 37.90
N SER A 145 18.54 -4.09 38.92
CA SER A 145 19.69 -5.03 38.84
C SER A 145 20.88 -4.39 38.16
N ILE A 146 20.73 -3.92 36.92
CA ILE A 146 21.85 -3.36 36.19
C ILE A 146 21.48 -2.06 35.50
N ARG A 147 22.38 -1.28 34.95
CA ARG A 147 22.13 -0.01 34.31
C ARG A 147 21.51 -0.15 32.96
N ASN A 148 21.28 0.91 32.24
CA ASN A 148 20.51 0.94 31.02
C ASN A 148 21.42 1.16 29.82
N LYS A 149 21.18 0.40 28.75
CA LYS A 149 21.98 0.58 27.52
C LYS A 149 21.84 2.06 27.18
N GLU A 150 22.91 2.74 26.82
CA GLU A 150 22.89 4.21 26.59
C GLU A 150 21.61 4.59 25.88
N ALA A 151 20.89 5.59 26.38
CA ALA A 151 19.69 6.14 25.70
C ALA A 151 20.17 7.24 24.77
N ARG A 152 19.73 7.24 23.53
CA ARG A 152 20.17 8.23 22.53
C ARG A 152 18.97 9.01 22.03
N PHE A 153 18.67 10.17 22.61
CA PHE A 153 17.53 11.01 22.22
C PHE A 153 17.90 12.48 22.25
N ASN A 154 19.18 12.82 22.41
CA ASN A 154 19.59 14.23 22.61
C ASN A 154 19.94 14.91 21.29
N ASN A 155 20.75 14.29 20.43
CA ASN A 155 21.21 14.94 19.16
C ASN A 155 21.13 13.97 18.00
N ARG A 156 19.95 13.44 17.69
CA ARG A 156 19.77 12.58 16.49
C ARG A 156 19.30 13.51 15.39
N LYS A 157 20.13 13.77 14.38
CA LYS A 157 19.81 14.73 13.30
C LYS A 157 19.32 14.02 12.06
N ARG A 158 18.30 14.55 11.40
CA ARG A 158 17.73 13.98 10.16
C ARG A 158 18.20 14.83 9.00
N PRO A 159 18.31 14.31 7.76
CA PRO A 159 18.64 15.13 6.62
C PRO A 159 17.54 16.19 6.50
N VAL A 160 17.76 17.25 5.73
CA VAL A 160 16.77 18.35 5.58
C VAL A 160 15.65 17.87 4.66
N GLY A 161 14.40 18.05 5.09
CA GLY A 161 13.24 17.61 4.29
C GLY A 161 13.00 16.12 4.42
N TRP A 162 13.70 15.45 5.34
CA TRP A 162 13.41 14.07 5.77
C TRP A 162 11.91 13.93 5.88
N LEU A 163 11.31 13.02 5.12
CA LEU A 163 9.85 12.76 5.17
C LEU A 163 9.64 11.39 5.79
N THR A 164 8.63 11.22 6.64
CA THR A 164 8.37 9.95 7.36
C THR A 164 8.06 8.82 6.38
N PRO A 165 8.40 7.57 6.70
CA PRO A 165 8.07 6.45 5.83
C PRO A 165 6.70 6.58 5.15
N THR A 166 5.63 6.86 5.90
CA THR A 166 4.25 6.96 5.36
C THR A 166 4.17 8.06 4.31
N ALA A 167 4.83 9.19 4.52
CA ALA A 167 4.80 10.33 3.57
C ALA A 167 5.64 9.98 2.36
N ASN A 168 6.87 9.53 2.56
CA ASN A 168 7.72 9.09 1.44
C ASN A 168 6.85 8.22 0.55
N HIS A 169 6.32 7.13 1.10
CA HIS A 169 5.42 6.22 0.35
C HIS A 169 4.48 7.05 -0.51
N LEU A 170 3.63 7.89 0.07
CA LEU A 170 2.61 8.60 -0.72
C LEU A 170 3.30 9.29 -1.91
N LEU A 171 4.36 10.04 -1.64
CA LEU A 171 5.08 10.74 -2.69
C LEU A 171 5.49 9.79 -3.80
N VAL A 172 6.40 8.87 -3.49
CA VAL A 172 6.86 7.91 -4.47
C VAL A 172 5.69 7.39 -5.27
N THR A 173 4.68 6.88 -4.59
CA THR A 173 3.50 6.39 -5.26
C THR A 173 3.05 7.35 -6.34
N HIS A 174 2.66 8.55 -5.94
CA HIS A 174 2.19 9.58 -6.90
C HIS A 174 3.10 9.58 -8.13
N LEU A 175 4.41 9.59 -7.93
CA LEU A 175 5.39 9.68 -9.04
C LEU A 175 5.44 8.35 -9.81
N ASN A 176 5.45 7.21 -9.12
CA ASN A 176 5.51 5.87 -9.76
C ASN A 176 4.34 5.75 -10.73
N VAL A 177 3.20 6.33 -10.41
CA VAL A 177 1.98 6.28 -11.27
C VAL A 177 2.21 7.14 -12.51
N VAL A 178 2.83 8.31 -12.35
CA VAL A 178 3.15 9.23 -13.48
C VAL A 178 4.07 8.49 -14.44
N LYS A 179 4.97 7.66 -13.93
CA LYS A 179 5.95 6.93 -14.78
C LYS A 179 5.24 5.84 -15.56
N LYS A 180 4.32 5.12 -14.94
CA LYS A 180 3.55 4.05 -15.61
C LYS A 180 2.71 4.66 -16.73
N VAL A 181 2.16 5.86 -16.55
CA VAL A 181 1.31 6.54 -17.57
C VAL A 181 2.21 7.00 -18.72
N GLN A 182 3.48 7.24 -18.46
CA GLN A 182 4.43 7.76 -19.48
C GLN A 182 5.00 6.61 -20.30
N LYS A 183 4.71 5.36 -19.91
CA LYS A 183 5.16 4.17 -20.67
C LYS A 183 4.06 3.75 -21.63
N ILE A 184 2.89 4.39 -21.60
CA ILE A 184 1.73 4.02 -22.46
C ILE A 184 1.43 5.19 -23.39
N LEU A 185 1.52 6.43 -22.92
CA LEU A 185 1.15 7.63 -23.72
C LEU A 185 2.32 8.61 -23.74
N PRO A 186 2.47 9.44 -24.80
CA PRO A 186 3.53 10.44 -24.83
C PRO A 186 3.14 11.72 -24.06
N VAL A 187 3.34 11.74 -22.74
CA VAL A 187 2.93 12.90 -21.88
C VAL A 187 3.87 14.07 -22.15
N ALA A 188 3.35 15.30 -22.23
CA ALA A 188 4.15 16.52 -22.52
C ALA A 188 4.15 17.45 -21.31
N LYS A 189 3.00 17.97 -20.90
CA LYS A 189 2.95 18.82 -19.72
C LYS A 189 2.22 18.13 -18.59
N VAL A 190 2.41 18.64 -17.38
CA VAL A 190 1.77 18.03 -16.22
C VAL A 190 1.11 19.06 -15.33
N VAL A 191 -0.20 18.99 -15.19
CA VAL A 191 -0.88 19.89 -14.27
C VAL A 191 -1.11 19.21 -12.94
N LEU A 192 -0.78 19.90 -11.86
CA LEU A 192 -1.06 19.31 -10.51
C LEU A 192 -2.01 20.24 -9.76
N GLU A 193 -2.97 19.69 -9.01
CA GLU A 193 -3.96 20.48 -8.24
C GLU A 193 -3.48 20.60 -6.80
N LEU A 194 -2.71 21.64 -6.49
CA LEU A 194 -2.23 21.82 -5.12
C LEU A 194 -3.40 22.00 -4.17
N ASN A 195 -3.51 21.11 -3.19
CA ASN A 195 -4.59 21.22 -2.21
C ASN A 195 -4.16 22.09 -1.04
N ARG A 196 -5.03 22.23 -0.05
CA ARG A 196 -4.73 23.07 1.10
C ARG A 196 -5.65 22.80 2.27
N PHE A 197 -5.10 22.32 3.37
CA PHE A 197 -5.91 22.12 4.57
C PHE A 197 -5.21 22.82 5.73
N SER A 198 -5.90 23.77 6.36
CA SER A 198 -5.28 24.44 7.51
C SER A 198 -5.30 23.62 8.81
N PHE A 199 -6.30 22.75 8.99
CA PHE A 199 -6.43 21.96 10.22
C PHE A 199 -7.08 22.82 11.26
N MET A 200 -7.62 23.96 10.83
CA MET A 200 -8.20 24.88 11.78
C MET A 200 -9.67 25.08 11.47
N TYR A 294 -12.79 8.88 9.15
CA TYR A 294 -12.63 9.66 7.90
C TYR A 294 -11.85 10.94 8.19
N HIS A 295 -10.65 10.81 8.76
CA HIS A 295 -9.79 11.99 9.10
C HIS A 295 -8.60 12.05 8.13
N ALA A 296 -7.44 11.56 8.55
CA ALA A 296 -6.22 11.56 7.72
C ALA A 296 -5.99 12.96 7.14
N LEU A 297 -5.83 13.05 5.81
CA LEU A 297 -5.60 14.34 5.10
C LEU A 297 -4.48 15.12 5.81
N SER A 298 -3.32 14.48 5.99
CA SER A 298 -2.17 15.14 6.67
C SER A 298 -0.88 14.91 5.86
N VAL A 299 -0.58 13.63 5.54
CA VAL A 299 0.65 13.30 4.77
C VAL A 299 0.60 14.01 3.41
N LEU A 300 -0.60 14.17 2.85
CA LEU A 300 -0.79 14.84 1.54
C LEU A 300 -0.28 16.29 1.63
N ASN A 301 -0.68 17.00 2.70
CA ASN A 301 -0.26 18.41 2.90
C ASN A 301 1.26 18.49 2.98
N GLN A 302 1.91 17.46 3.51
CA GLN A 302 3.37 17.44 3.69
C GLN A 302 4.08 17.08 2.40
N ILE A 303 3.50 16.23 1.56
CA ILE A 303 4.17 15.73 0.32
C ILE A 303 3.87 16.66 -0.85
N ILE A 304 2.71 17.33 -0.89
CA ILE A 304 2.32 18.16 -2.06
C ILE A 304 3.53 19.00 -2.47
N PRO A 305 4.21 19.72 -1.56
CA PRO A 305 5.30 20.59 -1.96
C PRO A 305 6.43 19.82 -2.66
N TYR A 306 6.82 18.66 -2.13
CA TYR A 306 7.93 17.85 -2.66
C TYR A 306 7.55 17.27 -4.02
N LEU A 307 6.31 16.80 -4.17
CA LEU A 307 5.82 16.21 -5.43
C LEU A 307 5.93 17.27 -6.51
N ALA A 308 5.55 18.52 -6.21
CA ALA A 308 5.57 19.60 -7.20
C ALA A 308 7.00 19.78 -7.71
N ASP A 309 7.97 19.86 -6.81
CA ASP A 309 9.39 19.98 -7.21
C ASP A 309 9.76 18.79 -8.09
N GLN A 310 9.55 17.57 -7.59
CA GLN A 310 9.93 16.33 -8.30
C GLN A 310 9.33 16.33 -9.70
N LEU A 311 8.06 16.69 -9.85
CA LEU A 311 7.35 16.63 -11.15
C LEU A 311 7.73 17.84 -12.01
N ALA A 312 8.58 18.74 -11.52
CA ALA A 312 9.06 19.90 -12.28
C ALA A 312 10.34 19.53 -12.99
N ASP A 313 11.01 18.47 -12.53
CA ASP A 313 12.27 17.97 -13.16
C ASP A 313 11.89 16.84 -14.11
N MET A 314 10.78 16.14 -13.84
CA MET A 314 10.29 15.06 -14.73
C MET A 314 9.76 15.72 -16.00
N PHE A 315 9.26 16.96 -15.91
CA PHE A 315 8.71 17.69 -17.08
C PHE A 315 9.34 19.08 -17.11
N PRO A 316 10.67 19.19 -17.34
CA PRO A 316 11.35 20.47 -17.29
C PRO A 316 10.71 21.53 -18.20
N GLY A 317 10.23 22.62 -17.62
CA GLY A 317 9.63 23.72 -18.40
C GLY A 317 8.19 23.44 -18.76
N ASN A 318 7.61 22.36 -18.22
CA ASN A 318 6.22 21.97 -18.53
C ASN A 318 5.57 21.40 -17.27
N PHE A 319 5.42 22.22 -16.22
CA PHE A 319 4.73 21.81 -14.96
C PHE A 319 3.88 22.97 -14.47
N CYS A 320 2.57 22.92 -14.64
CA CYS A 320 1.63 23.96 -14.17
C CYS A 320 1.04 23.51 -12.84
N VAL A 321 0.32 24.38 -12.15
CA VAL A 321 -0.35 24.05 -10.86
C VAL A 321 -1.71 24.72 -10.82
N THR A 322 -2.79 23.95 -10.80
CA THR A 322 -4.12 24.52 -10.73
C THR A 322 -4.54 24.64 -9.26
N SER A 323 -5.84 24.76 -9.01
CA SER A 323 -6.29 24.98 -7.65
C SER A 323 -7.65 24.33 -7.55
N GLY A 324 -7.92 23.66 -6.44
CA GLY A 324 -9.23 23.04 -6.25
C GLY A 324 -10.33 23.96 -6.72
N GLN A 325 -10.24 25.23 -6.34
CA GLN A 325 -11.24 26.21 -6.74
C GLN A 325 -11.42 26.18 -8.24
N ASP A 326 -10.34 26.41 -8.98
CA ASP A 326 -10.42 26.37 -10.43
C ASP A 326 -11.14 25.12 -10.83
N THR A 327 -10.67 23.98 -10.31
CA THR A 327 -11.30 22.68 -10.65
C THR A 327 -12.81 22.85 -10.52
N TYR A 328 -13.28 23.44 -9.43
CA TYR A 328 -14.73 23.66 -9.20
C TYR A 328 -15.28 24.59 -10.28
N LEU A 329 -14.70 25.78 -10.43
CA LEU A 329 -15.15 26.76 -11.45
C LEU A 329 -15.34 26.03 -12.77
N PHE A 330 -14.38 25.18 -13.17
CA PHE A 330 -14.46 24.39 -14.41
C PHE A 330 -15.68 23.48 -14.33
N ARG A 331 -15.78 22.69 -13.26
CA ARG A 331 -16.90 21.72 -13.08
C ARG A 331 -18.22 22.47 -13.07
N GLU A 332 -18.27 23.77 -13.10
CA GLU A 332 -19.59 24.40 -13.24
C GLU A 332 -19.61 25.16 -14.55
N GLU A 333 -18.44 25.38 -15.12
CA GLU A 333 -18.34 26.16 -16.33
C GLU A 333 -18.54 25.30 -17.53
N HIS A 334 -18.01 24.08 -17.47
CA HIS A 334 -18.16 23.14 -18.55
C HIS A 334 -19.10 22.06 -18.07
N GLY A 335 -19.71 22.26 -16.91
CA GLY A 335 -20.65 21.29 -16.38
C GLY A 335 -20.21 19.84 -16.43
N ILE A 336 -19.06 19.53 -15.87
CA ILE A 336 -18.64 18.13 -15.80
C ILE A 336 -19.38 17.47 -14.64
N PRO A 337 -20.10 16.38 -14.93
CA PRO A 337 -20.84 15.72 -13.85
C PRO A 337 -19.89 15.51 -12.67
N LYS A 338 -20.27 15.94 -11.47
CA LYS A 338 -19.38 15.87 -10.28
C LYS A 338 -19.13 14.42 -9.89
N ASP A 339 -17.89 13.97 -9.94
CA ASP A 339 -17.50 12.59 -9.57
C ASP A 339 -16.04 12.68 -9.17
N HIS A 340 -15.65 12.09 -8.05
CA HIS A 340 -14.26 12.22 -7.55
C HIS A 340 -13.27 11.92 -8.67
N TYR A 341 -13.61 11.04 -9.61
CA TYR A 341 -12.67 10.59 -10.67
C TYR A 341 -12.67 11.53 -11.86
N LEU A 342 -13.69 12.36 -12.01
CA LEU A 342 -13.79 13.29 -13.16
C LEU A 342 -13.09 14.59 -12.82
N ASP A 343 -12.44 14.67 -11.67
CA ASP A 343 -11.79 15.91 -11.20
C ASP A 343 -10.44 16.07 -11.91
N ALA A 344 -9.76 14.97 -12.22
CA ALA A 344 -8.44 15.00 -12.88
C ALA A 344 -8.62 15.58 -14.28
N TYR A 345 -9.61 15.12 -15.02
CA TYR A 345 -9.89 15.63 -16.38
C TYR A 345 -9.98 17.14 -16.27
N CYS A 346 -10.64 17.65 -15.22
CA CYS A 346 -10.83 19.11 -15.02
C CYS A 346 -9.48 19.74 -14.72
N ILE A 347 -8.74 19.18 -13.77
CA ILE A 347 -7.40 19.71 -13.40
C ILE A 347 -6.54 19.76 -14.65
N ALA A 348 -6.66 18.80 -15.56
CA ALA A 348 -5.82 18.71 -16.76
C ALA A 348 -6.30 19.70 -17.81
N CYS A 349 -7.61 19.77 -18.03
CA CYS A 349 -8.21 20.64 -19.08
C CYS A 349 -7.93 22.11 -18.80
N SER A 350 -7.39 22.44 -17.63
CA SER A 350 -7.08 23.84 -17.23
C SER A 350 -5.93 24.38 -18.08
N ALA A 351 -4.78 23.72 -18.09
CA ALA A 351 -3.59 24.14 -18.86
C ALA A 351 -3.95 24.36 -20.33
N LEU A 352 -4.99 23.68 -20.79
CA LEU A 352 -5.39 23.78 -22.19
C LEU A 352 -5.92 25.16 -22.50
N THR A 353 -5.27 25.86 -23.41
CA THR A 353 -5.70 27.20 -23.77
C THR A 353 -6.93 27.42 -24.64
N ASP A 354 -6.94 26.81 -25.82
CA ASP A 354 -8.09 26.97 -26.75
C ASP A 354 -8.68 25.57 -26.67
N ALA A 355 -9.30 25.21 -25.54
CA ALA A 355 -9.97 23.90 -25.38
C ALA A 355 -11.40 24.01 -25.87
N LYS A 356 -11.65 23.68 -27.14
CA LYS A 356 -13.00 23.77 -27.76
C LYS A 356 -13.80 22.49 -27.47
N LYS A 357 -13.19 21.31 -27.62
CA LYS A 357 -13.91 20.01 -27.46
C LYS A 357 -13.75 19.49 -26.03
N VAL A 358 -14.22 20.23 -25.02
CA VAL A 358 -14.18 19.80 -23.60
C VAL A 358 -15.49 19.11 -23.28
N SER A 359 -15.49 17.78 -23.20
CA SER A 359 -16.68 17.03 -22.82
C SER A 359 -16.27 16.08 -21.71
N SER A 360 -17.19 15.80 -20.80
CA SER A 360 -16.87 14.92 -19.68
C SER A 360 -16.27 13.61 -20.18
N PRO A 361 -15.14 13.20 -19.61
CA PRO A 361 -14.47 11.95 -19.99
C PRO A 361 -15.30 10.76 -19.57
N LYS A 362 -16.32 10.45 -20.37
CA LYS A 362 -17.18 9.30 -20.14
C LYS A 362 -16.41 8.00 -20.14
N GLY A 363 -17.05 6.93 -19.69
CA GLY A 363 -16.39 5.61 -19.64
C GLY A 363 -15.78 5.35 -18.28
N ARG A 364 -16.07 4.21 -17.67
CA ARG A 364 -15.55 3.85 -16.33
C ARG A 364 -14.02 3.97 -16.35
N PRO A 365 -13.40 4.61 -15.33
CA PRO A 365 -11.97 4.80 -15.35
C PRO A 365 -11.19 3.57 -14.92
N TYR A 366 -10.04 3.29 -15.51
CA TYR A 366 -9.16 2.18 -15.10
C TYR A 366 -8.97 2.23 -13.60
N MET A 367 -8.71 1.10 -12.94
CA MET A 367 -8.51 1.03 -11.47
C MET A 367 -7.14 0.42 -11.22
N VAL A 368 -6.31 1.06 -10.40
CA VAL A 368 -4.94 0.55 -10.07
C VAL A 368 -4.90 0.28 -8.57
N HIS A 369 -4.53 -0.93 -8.15
CA HIS A 369 -4.41 -1.30 -6.73
C HIS A 369 -2.94 -1.44 -6.40
N GLN A 370 -2.52 -0.96 -5.23
CA GLN A 370 -1.13 -1.04 -4.79
C GLN A 370 -1.00 -2.26 -3.90
N PHE A 371 -0.10 -3.19 -4.23
CA PHE A 371 0.15 -4.40 -3.43
C PHE A 371 1.53 -4.25 -2.81
N ARG A 372 1.75 -4.62 -1.58
CA ARG A 372 3.02 -4.49 -0.93
C ARG A 372 4.06 -5.30 -1.58
N ARG A 373 5.31 -4.89 -1.56
CA ARG A 373 6.26 -5.61 -2.37
C ARG A 373 6.93 -6.65 -1.57
N HIS A 374 7.28 -6.34 -0.32
CA HIS A 374 7.98 -7.28 0.53
C HIS A 374 7.18 -7.52 1.78
N ASP A 375 7.09 -8.77 2.22
CA ASP A 375 6.44 -9.10 3.48
C ASP A 375 7.40 -9.87 4.28
N ARG A 376 8.10 -9.22 5.15
CA ARG A 376 9.11 -9.89 5.87
C ARG A 376 8.62 -10.46 7.17
N GLN A 377 7.32 -10.43 7.42
CA GLN A 377 6.81 -11.06 8.63
C GLN A 377 6.69 -12.56 8.43
N ALA A 378 7.08 -13.34 9.45
CA ALA A 378 7.06 -14.79 9.32
C ALA A 378 6.02 -15.43 10.21
N CYS A 379 5.68 -14.77 11.31
CA CYS A 379 4.72 -15.37 12.29
C CYS A 379 3.32 -14.86 12.01
N HIS A 380 2.38 -15.77 11.72
CA HIS A 380 0.96 -15.43 11.44
C HIS A 380 0.28 -15.14 12.78
N LYS A 381 0.48 -16.01 13.77
CA LYS A 381 -0.13 -15.91 15.09
C LYS A 381 0.66 -16.65 16.10
N ALA A 382 0.99 -16.05 17.23
CA ALA A 382 1.64 -16.76 18.34
C ALA A 382 0.55 -16.74 19.29
N ASN A 383 -0.13 -17.84 19.45
CA ASN A 383 -1.35 -17.80 20.20
C ASN A 383 -1.33 -17.18 21.59
N LEU A 384 -0.34 -17.47 22.39
CA LEU A 384 -0.20 -16.77 23.69
C LEU A 384 -1.27 -16.97 24.79
N ASN A 385 -1.92 -18.12 24.84
CA ASN A 385 -2.99 -18.28 25.82
C ASN A 385 -3.08 -19.68 26.38
N ARG A 386 -3.03 -19.82 27.71
CA ARG A 386 -3.18 -21.11 28.35
C ARG A 386 -4.64 -21.24 28.69
N SER A 387 -5.37 -21.99 27.88
CA SER A 387 -6.81 -22.12 28.09
C SER A 387 -7.14 -23.37 28.88
N TYR A 388 -8.16 -23.27 29.72
CA TYR A 388 -8.57 -24.42 30.51
C TYR A 388 -9.92 -24.94 30.05
N TYR A 389 -10.19 -26.21 30.27
CA TYR A 389 -11.42 -26.80 29.77
C TYR A 389 -11.98 -27.86 30.69
N MET A 390 -12.91 -27.49 31.55
CA MET A 390 -13.54 -28.45 32.43
C MET A 390 -14.28 -29.57 31.75
N GLY A 391 -15.25 -29.21 30.91
CA GLY A 391 -15.94 -30.20 30.12
C GLY A 391 -15.51 -29.94 28.68
N GLY A 392 -14.23 -29.66 28.48
CA GLY A 392 -13.72 -29.34 27.16
C GLY A 392 -14.12 -27.95 26.74
N LYS A 393 -14.51 -27.12 27.70
CA LYS A 393 -14.94 -25.76 27.39
C LYS A 393 -14.09 -24.75 28.16
N LEU A 394 -13.70 -23.67 27.48
CA LEU A 394 -12.85 -22.68 28.12
C LEU A 394 -13.41 -22.26 29.47
N VAL A 395 -12.55 -22.28 30.48
CA VAL A 395 -12.96 -21.88 31.81
C VAL A 395 -11.85 -21.01 32.37
N ALA A 396 -10.75 -20.91 31.63
CA ALA A 396 -9.63 -20.11 32.07
C ALA A 396 -8.67 -19.82 30.93
N THR A 397 -8.69 -18.62 30.35
CA THR A 397 -7.86 -18.31 29.18
C THR A 397 -6.41 -18.18 29.57
N ASN A 398 -6.14 -17.99 30.84
CA ASN A 398 -4.79 -17.91 31.39
C ASN A 398 -4.96 -18.57 32.74
N ARG A 399 -4.05 -18.33 33.67
CA ARG A 399 -4.24 -18.85 35.01
C ARG A 399 -4.64 -17.62 35.77
N HIS A 400 -4.11 -16.49 35.34
CA HIS A 400 -4.48 -15.23 35.96
C HIS A 400 -4.63 -14.22 34.85
N LYS A 401 -5.52 -13.25 35.04
CA LYS A 401 -5.81 -12.27 34.00
C LYS A 401 -4.56 -11.61 33.44
N ALA A 402 -4.67 -11.07 32.23
CA ALA A 402 -3.55 -10.38 31.62
C ALA A 402 -3.98 -8.99 31.17
N MET A 403 -3.05 -8.24 30.56
CA MET A 403 -3.38 -6.91 30.08
C MET A 403 -4.66 -6.94 29.26
N ASP A 404 -5.67 -6.18 29.67
CA ASP A 404 -6.93 -6.11 28.92
C ASP A 404 -7.70 -7.43 28.84
N GLN A 405 -7.16 -8.51 29.39
CA GLN A 405 -7.88 -9.77 29.39
C GLN A 405 -9.23 -9.58 30.08
N LYS A 406 -10.31 -9.86 29.36
CA LYS A 406 -11.64 -9.67 29.94
C LYS A 406 -12.16 -10.99 30.45
N THR A 407 -12.16 -12.00 29.59
CA THR A 407 -12.62 -13.33 29.99
C THR A 407 -12.03 -13.71 31.33
N ASP A 408 -12.80 -14.40 32.16
CA ASP A 408 -12.27 -14.87 33.46
C ASP A 408 -10.97 -15.65 33.25
N SER A 409 -10.16 -15.78 34.28
CA SER A 409 -8.88 -16.53 34.26
C SER A 409 -8.98 -17.58 35.34
N LEU A 410 -8.13 -18.62 35.33
CA LEU A 410 -8.25 -19.73 36.31
C LEU A 410 -8.50 -19.13 37.69
N GLU A 411 -7.87 -18.00 38.01
CA GLU A 411 -8.02 -17.35 39.34
C GLU A 411 -9.50 -17.21 39.67
N GLU A 412 -10.28 -16.58 38.80
CA GLU A 412 -11.73 -16.39 39.01
C GLU A 412 -12.37 -17.76 39.24
N TYR A 413 -12.12 -18.72 38.36
CA TYR A 413 -12.71 -20.05 38.48
C TYR A 413 -12.48 -20.65 39.86
N ARG A 414 -11.22 -20.70 40.29
CA ARG A 414 -10.88 -21.30 41.59
C ARG A 414 -11.76 -20.68 42.67
N ALA A 415 -12.14 -19.41 42.52
CA ALA A 415 -13.00 -18.68 43.49
C ALA A 415 -14.43 -19.19 43.42
N ALA A 416 -14.94 -19.48 42.24
CA ALA A 416 -16.33 -19.93 42.01
C ALA A 416 -16.48 -21.42 42.27
N HIS A 417 -15.59 -22.27 41.74
CA HIS A 417 -15.72 -23.74 41.83
C HIS A 417 -14.84 -24.33 42.93
N SER A 418 -14.71 -25.65 42.99
CA SER A 418 -13.96 -26.38 44.05
C SER A 418 -12.65 -26.92 43.51
N ALA A 419 -11.87 -27.59 44.37
CA ALA A 419 -10.57 -28.17 43.99
C ALA A 419 -10.82 -29.47 43.25
N ALA A 420 -11.95 -30.13 43.52
CA ALA A 420 -12.35 -31.34 42.79
C ALA A 420 -12.78 -30.93 41.39
N ASP A 421 -13.21 -29.68 41.23
CA ASP A 421 -13.59 -29.15 39.89
C ASP A 421 -12.32 -28.76 39.16
N VAL A 422 -11.45 -27.99 39.80
CA VAL A 422 -10.21 -27.48 39.16
C VAL A 422 -9.28 -28.64 38.86
N SER A 423 -9.49 -29.81 39.48
CA SER A 423 -8.61 -30.98 39.31
C SER A 423 -9.03 -31.78 38.09
N LYS A 424 -10.09 -31.38 37.39
CA LYS A 424 -10.59 -32.11 36.20
C LYS A 424 -10.42 -31.26 34.95
N LEU A 425 -10.08 -29.99 35.10
CA LEU A 425 -9.94 -29.05 33.97
C LEU A 425 -8.91 -29.61 32.99
N THR A 426 -9.01 -29.23 31.71
CA THR A 426 -8.08 -29.68 30.64
C THR A 426 -7.51 -28.45 29.96
N VAL A 427 -6.19 -28.31 29.93
CA VAL A 427 -5.51 -27.12 29.35
C VAL A 427 -5.23 -27.40 27.88
N LYS A 428 -5.34 -26.39 27.02
CA LYS A 428 -5.13 -26.56 25.57
C LYS A 428 -4.53 -25.27 25.00
N HIS A 429 -3.20 -25.19 24.92
CA HIS A 429 -2.49 -24.01 24.37
C HIS A 429 -2.07 -24.33 22.93
N PRO A 430 -2.75 -23.79 21.90
CA PRO A 430 -2.35 -24.02 20.52
C PRO A 430 -0.93 -23.50 20.29
N SER A 431 -0.25 -23.94 19.24
CA SER A 431 1.17 -23.56 18.97
C SER A 431 1.26 -22.46 17.93
N ALA A 432 2.32 -21.65 17.98
CA ALA A 432 2.53 -20.51 17.05
C ALA A 432 2.39 -20.95 15.61
N GLN A 433 1.74 -20.15 14.78
CA GLN A 433 1.52 -20.43 13.35
C GLN A 433 2.39 -19.49 12.53
N TYR A 434 3.33 -20.00 11.74
CA TYR A 434 4.27 -19.17 10.94
C TYR A 434 3.83 -19.12 9.48
N LYS A 435 3.83 -17.94 8.87
CA LYS A 435 3.44 -17.72 7.46
C LYS A 435 4.45 -18.40 6.55
N ASP A 436 4.12 -18.62 5.28
CA ASP A 436 5.05 -19.23 4.30
C ASP A 436 5.68 -18.12 3.47
N MET A 437 6.88 -17.69 3.84
CA MET A 437 7.40 -16.35 3.47
C MET A 437 7.78 -16.36 1.98
N SER A 438 7.64 -17.49 1.30
CA SER A 438 7.91 -17.61 -0.16
C SER A 438 6.62 -17.98 -0.87
N ARG A 439 5.51 -17.33 -0.52
CA ARG A 439 4.18 -17.62 -1.10
C ARG A 439 3.88 -16.70 -2.27
N ILE A 440 3.07 -17.12 -3.22
CA ILE A 440 2.73 -16.29 -4.31
C ILE A 440 2.09 -15.18 -3.57
N MET A 441 2.63 -13.98 -3.67
CA MET A 441 2.15 -12.85 -2.88
C MET A 441 1.00 -12.13 -3.51
N PRO A 442 0.07 -11.70 -2.70
CA PRO A 442 -1.08 -11.00 -3.23
C PRO A 442 -0.62 -9.97 -4.25
N GLY A 443 -1.10 -10.05 -5.47
CA GLY A 443 -0.72 -9.13 -6.56
C GLY A 443 -0.27 -9.91 -7.77
N SER A 444 0.18 -11.15 -7.58
CA SER A 444 0.67 -12.03 -8.66
C SER A 444 -0.43 -12.27 -9.69
N ILE A 445 -0.07 -12.68 -10.89
CA ILE A 445 -1.04 -12.96 -11.92
C ILE A 445 -1.05 -14.45 -12.19
N LEU A 446 -2.21 -15.07 -12.12
CA LEU A 446 -2.29 -16.52 -12.31
C LEU A 446 -3.44 -16.90 -13.22
N VAL A 447 -3.47 -18.14 -13.68
CA VAL A 447 -4.54 -18.61 -14.55
C VAL A 447 -5.24 -19.80 -13.95
N SER A 448 -6.56 -19.87 -14.08
CA SER A 448 -7.33 -20.96 -13.50
C SER A 448 -7.32 -22.23 -14.34
N GLY A 449 -7.74 -23.34 -13.74
CA GLY A 449 -7.81 -24.62 -14.49
C GLY A 449 -8.64 -24.46 -15.74
N GLU A 450 -9.68 -23.65 -15.70
CA GLU A 450 -10.56 -23.38 -16.87
C GLU A 450 -9.83 -22.49 -17.87
N GLY A 451 -8.89 -21.65 -17.41
CA GLY A 451 -8.08 -20.80 -18.29
C GLY A 451 -8.33 -19.32 -18.05
N LYS A 452 -9.13 -18.96 -17.05
CA LYS A 452 -9.38 -17.54 -16.70
C LYS A 452 -8.13 -16.98 -16.04
N LEU A 453 -7.62 -15.86 -16.53
CA LEU A 453 -6.43 -15.20 -15.94
C LEU A 453 -6.92 -14.27 -14.84
N PHE A 454 -6.28 -14.28 -13.67
CA PHE A 454 -6.72 -13.46 -12.52
C PHE A 454 -5.51 -12.92 -11.77
N THR A 455 -5.72 -12.01 -10.82
CA THR A 455 -4.65 -11.42 -9.98
C THR A 455 -4.90 -11.79 -8.52
N LEU A 456 -4.03 -12.59 -7.91
CA LEU A 456 -4.20 -13.03 -6.51
C LEU A 456 -4.54 -11.82 -5.66
N SER A 457 -5.55 -11.93 -4.80
CA SER A 457 -5.94 -10.86 -3.86
C SER A 457 -5.54 -11.34 -2.46
N ARG A 458 -5.81 -12.60 -2.15
CA ARG A 458 -5.47 -13.21 -0.85
C ARG A 458 -5.47 -14.72 -1.01
N SER A 459 -4.59 -15.42 -0.32
CA SER A 459 -4.51 -16.90 -0.36
C SER A 459 -5.22 -17.43 0.88
N GLU A 460 -6.41 -18.01 0.74
CA GLU A 460 -7.24 -18.48 1.87
C GLU A 460 -7.13 -20.00 2.02
N GLY A 461 -6.62 -20.47 3.15
CA GLY A 461 -6.58 -21.91 3.45
C GLY A 461 -5.20 -22.51 3.30
N ARG A 462 -4.93 -23.61 3.97
CA ARG A 462 -3.65 -24.35 3.85
C ARG A 462 -3.89 -25.72 4.47
N ASN A 463 -3.63 -26.80 3.72
CA ASN A 463 -3.75 -28.18 4.23
C ASN A 463 -2.63 -29.01 3.63
N LYS A 464 -1.84 -29.69 4.46
CA LYS A 464 -0.70 -30.51 4.00
C LYS A 464 0.32 -29.60 3.31
N GLY A 465 0.34 -28.32 3.66
CA GLY A 465 1.30 -27.36 3.10
C GLY A 465 0.99 -27.03 1.67
N GLN A 466 -0.21 -26.57 1.44
CA GLN A 466 -0.59 -26.18 0.14
C GLN A 466 -1.84 -25.33 0.22
N VAL A 467 -1.78 -24.13 -0.24
CA VAL A 467 -2.91 -23.17 -0.19
C VAL A 467 -4.14 -23.88 -0.76
N ASN A 468 -5.28 -23.74 -0.12
CA ASN A 468 -6.49 -24.36 -0.62
C ASN A 468 -7.14 -23.51 -1.71
N TYR A 469 -7.25 -22.21 -1.48
CA TYR A 469 -7.93 -21.35 -2.45
C TYR A 469 -7.17 -20.08 -2.80
N PHE A 470 -7.13 -19.68 -4.04
CA PHE A 470 -6.53 -18.44 -4.45
C PHE A 470 -7.68 -17.57 -4.83
N VAL A 471 -7.92 -16.57 -4.07
CA VAL A 471 -8.95 -15.60 -4.40
C VAL A 471 -8.47 -14.57 -5.42
N SER A 472 -9.34 -14.23 -6.36
CA SER A 472 -8.99 -13.22 -7.40
C SER A 472 -9.40 -11.85 -6.90
N THR A 473 -8.89 -10.79 -7.52
CA THR A 473 -9.23 -9.40 -7.15
C THR A 473 -10.71 -9.16 -7.46
N GLU A 474 -11.35 -10.07 -8.20
CA GLU A 474 -12.78 -9.95 -8.58
C GLU A 474 -13.64 -10.64 -7.54
N GLY A 475 -13.05 -11.42 -6.63
CA GLY A 475 -13.78 -12.05 -5.52
C GLY A 475 -14.15 -13.49 -5.78
N ILE A 476 -13.60 -14.11 -6.82
CA ILE A 476 -13.84 -15.54 -7.13
C ILE A 476 -12.80 -16.37 -6.40
N LYS A 477 -13.12 -17.60 -6.00
CA LYS A 477 -12.18 -18.49 -5.28
C LYS A 477 -11.83 -19.68 -6.16
N TYR A 478 -10.55 -19.89 -6.45
CA TYR A 478 -10.08 -20.96 -7.37
C TYR A 478 -9.25 -21.97 -6.58
N TRP A 479 -9.43 -23.26 -6.83
CA TRP A 479 -8.63 -24.28 -6.17
C TRP A 479 -7.20 -24.01 -6.59
N ALA A 480 -6.38 -23.52 -5.67
CA ALA A 480 -4.97 -23.29 -5.97
C ALA A 480 -4.27 -24.49 -6.63
N ARG A 481 -4.44 -25.68 -6.07
CA ARG A 481 -3.72 -26.88 -6.60
C ARG A 481 -3.78 -26.90 -8.13
N LYS A 482 -4.86 -26.44 -8.75
CA LYS A 482 -5.04 -26.48 -10.22
C LYS A 482 -4.52 -25.21 -10.90
N CYS A 483 -4.57 -24.05 -10.24
CA CYS A 483 -4.17 -22.74 -10.83
C CYS A 483 -2.70 -22.75 -11.26
N GLN A 484 -2.29 -21.81 -12.12
CA GLN A 484 -0.91 -21.74 -12.66
C GLN A 484 -0.30 -20.37 -12.38
N TYR A 485 0.98 -20.30 -12.06
CA TYR A 485 1.69 -19.02 -11.78
C TYR A 485 2.21 -18.44 -13.10
N LEU A 486 2.04 -17.14 -13.31
CA LEU A 486 2.43 -16.48 -14.56
C LEU A 486 3.38 -15.31 -14.27
N ARG A 487 3.00 -14.36 -13.43
CA ARG A 487 3.85 -13.17 -13.12
C ARG A 487 3.76 -12.83 -11.63
N ASN A 488 4.81 -12.25 -11.05
CA ASN A 488 4.83 -11.83 -9.63
C ASN A 488 4.21 -10.45 -9.49
N ASN A 489 4.05 -9.96 -8.27
CA ASN A 489 3.43 -8.64 -8.00
C ASN A 489 4.25 -7.59 -8.74
N GLY A 490 3.60 -6.52 -9.17
CA GLY A 490 4.24 -5.36 -9.81
C GLY A 490 4.00 -4.11 -9.01
N GLY A 491 3.43 -4.23 -7.83
CA GLY A 491 3.11 -3.09 -6.97
C GLY A 491 1.85 -2.44 -7.47
N LEU A 492 1.94 -1.44 -8.32
CA LEU A 492 0.75 -0.84 -8.94
C LEU A 492 0.28 -1.85 -9.98
N GLN A 493 -0.91 -2.43 -9.80
CA GLN A 493 -1.45 -3.48 -10.70
C GLN A 493 -2.85 -3.09 -11.13
N ILE A 494 -3.09 -2.88 -12.41
CA ILE A 494 -4.41 -2.42 -12.94
C ILE A 494 -5.42 -3.55 -12.90
N TYR A 495 -6.62 -3.31 -12.38
CA TYR A 495 -7.70 -4.31 -12.25
C TYR A 495 -8.70 -4.15 -13.39
#